data_6AU0
#
_entry.id   6AU0
#
_cell.length_a   109.355
_cell.length_b   109.355
_cell.length_c   179.737
_cell.angle_alpha   90.00
_cell.angle_beta   90.00
_cell.angle_gamma   90.00
#
_symmetry.space_group_name_H-M   'I 41 2 2'
#
loop_
_entity.id
_entity.type
_entity.pdbx_description
1 polymer 'Polyphosphate:AMP phosphotransferase'
2 non-polymer '{[(3,5-dichlorophenyl)amino]methylene}bis(phosphonic acid)'
3 non-polymer GLYCEROL
4 water water
#
_entity_poly.entity_id   1
_entity_poly.type   'polypeptide(L)'
_entity_poly.pdbx_seq_one_letter_code
;SNAMATDFSKLSKYVETLRVKPKQSIDLKKDFDTDYDHKMLTKEEGEELLNLGISKLSEIQEKLYASGTKSVLIVFQAMD
AAGKDGTVKHIMTGLNPQGVKVTSFKVPSKIELSHDYLWRHYVALPATGEIGIFNRSHYENVLVTRVHPEYLLSEQTSGV
TAIEQVNQKFWDKRFQQINNFEQHISENGTIVLKFFLHVSKKEQKKRFIERIELDTKNWKFSTGDLKERAHWKDYRNAYE
DMLANTSTKQAPWFVIPADDKWFTRLLIAEIICTELEKLNLTFPTVSLEQKAELEKAKAELVAEKSSD
;
_entity_poly.pdbx_strand_id   A
#
# COMPACT_ATOMS: atom_id res chain seq x y z
N ALA A 5 -21.03 3.76 19.63
CA ALA A 5 -20.76 3.32 21.04
C ALA A 5 -19.79 2.14 21.01
N THR A 6 -20.15 1.09 20.26
CA THR A 6 -19.29 -0.08 19.98
C THR A 6 -17.85 0.30 19.57
N ASP A 7 -16.87 -0.44 20.11
CA ASP A 7 -15.44 -0.26 19.79
C ASP A 7 -15.15 -0.33 18.28
N PHE A 8 -15.86 -1.20 17.54
CA PHE A 8 -15.63 -1.29 16.09
C PHE A 8 -16.12 -0.03 15.36
N SER A 9 -17.21 0.54 15.83
CA SER A 9 -17.73 1.78 15.26
C SER A 9 -16.81 2.98 15.57
N LYS A 10 -16.15 2.95 16.72
CA LYS A 10 -15.14 3.97 17.05
C LYS A 10 -13.97 3.91 16.05
N LEU A 11 -13.47 2.69 15.81
CA LEU A 11 -12.40 2.44 14.86
C LEU A 11 -12.76 2.87 13.43
N SER A 12 -13.97 2.52 13.02
CA SER A 12 -14.47 2.88 11.69
C SER A 12 -14.51 4.40 11.51
N LYS A 13 -14.87 5.10 12.56
CA LYS A 13 -14.99 6.55 12.54
C LYS A 13 -13.60 7.14 12.44
N TYR A 14 -12.73 6.72 13.34
CA TYR A 14 -11.35 7.17 13.34
C TYR A 14 -10.65 6.93 11.99
N VAL A 15 -10.90 5.79 11.39
CA VAL A 15 -10.30 5.46 10.09
C VAL A 15 -10.60 6.49 9.01
N GLU A 16 -11.82 7.03 8.96
CA GLU A 16 -12.20 8.01 7.94
C GLU A 16 -11.42 9.31 8.04
N THR A 17 -10.87 9.61 9.21
CA THR A 17 -10.00 10.80 9.37
C THR A 17 -8.61 10.62 8.77
N LEU A 18 -8.25 9.39 8.42
CA LEU A 18 -6.93 9.06 7.90
C LEU A 18 -6.87 9.22 6.40
N ARG A 19 -8.02 9.27 5.74
CA ARG A 19 -8.04 9.47 4.31
C ARG A 19 -7.63 10.90 3.99
N VAL A 20 -6.69 11.07 3.06
CA VAL A 20 -6.34 12.39 2.60
C VAL A 20 -7.40 12.87 1.62
N LYS A 21 -8.13 13.93 1.99
CA LYS A 21 -9.16 14.49 1.12
C LYS A 21 -8.52 15.22 -0.07
N PRO A 22 -9.18 15.21 -1.24
CA PRO A 22 -8.49 15.77 -2.40
C PRO A 22 -8.12 17.24 -2.29
N LYS A 23 -8.97 18.04 -1.67
CA LYS A 23 -8.75 19.48 -1.61
C LYS A 23 -7.84 19.92 -0.47
N GLN A 24 -7.45 19.03 0.44
CA GLN A 24 -6.73 19.49 1.64
C GLN A 24 -5.24 19.76 1.41
N SER A 25 -4.68 20.61 2.25
CA SER A 25 -3.23 20.84 2.33
C SER A 25 -2.67 19.97 3.46
N ILE A 26 -1.37 19.68 3.41
CA ILE A 26 -0.81 18.66 4.31
C ILE A 26 0.38 19.19 5.11
N ASP A 27 0.24 19.20 6.42
CA ASP A 27 1.36 19.44 7.32
C ASP A 27 1.47 18.15 8.12
N LEU A 28 2.54 17.39 7.88
CA LEU A 28 2.72 16.08 8.55
C LEU A 28 3.12 16.18 10.02
N LYS A 29 3.80 17.26 10.42
CA LYS A 29 4.03 17.48 11.86
C LYS A 29 2.74 17.75 12.66
N LYS A 30 1.81 18.52 12.11
CA LYS A 30 0.60 18.93 12.82
C LYS A 30 -0.64 18.09 12.51
N ASP A 31 -1.08 18.11 11.25
CA ASP A 31 -2.38 17.50 10.82
C ASP A 31 -2.51 15.96 10.98
N PHE A 32 -1.38 15.26 11.20
CA PHE A 32 -1.37 13.79 11.16
C PHE A 32 -0.47 13.21 12.23
N ASP A 33 -1.07 12.38 13.06
CA ASP A 33 -0.34 11.77 14.17
C ASP A 33 0.46 10.57 13.71
N THR A 34 1.64 10.44 14.29
CA THR A 34 2.45 9.25 14.13
C THR A 34 2.04 8.26 15.19
N ASP A 35 1.35 8.71 16.22
CA ASP A 35 0.93 7.87 17.31
C ASP A 35 -0.45 8.30 17.75
N TYR A 36 -1.40 7.40 17.89
CA TYR A 36 -2.74 7.79 18.32
C TYR A 36 -2.88 7.49 19.80
N ASP A 37 -3.07 8.53 20.61
CA ASP A 37 -3.16 8.35 22.06
C ASP A 37 -4.61 8.29 22.61
N HIS A 38 -5.63 8.15 21.73
CA HIS A 38 -7.01 7.86 22.16
C HIS A 38 -7.49 6.50 21.61
N LYS A 39 -6.70 5.44 21.76
CA LYS A 39 -7.05 4.13 21.11
C LYS A 39 -8.33 3.53 21.69
N MET A 40 -9.24 3.16 20.80
CA MET A 40 -10.54 2.62 21.22
C MET A 40 -10.53 1.16 21.70
N LEU A 41 -9.36 0.53 21.77
CA LEU A 41 -9.27 -0.88 22.16
C LEU A 41 -7.85 -1.20 22.62
N THR A 42 -7.70 -2.28 23.39
CA THR A 42 -6.36 -2.72 23.80
C THR A 42 -5.58 -3.42 22.67
N LYS A 43 -4.29 -3.60 22.91
CA LYS A 43 -3.41 -4.32 22.02
C LYS A 43 -3.94 -5.74 21.78
N GLU A 44 -4.28 -6.43 22.87
CA GLU A 44 -4.78 -7.80 22.77
C GLU A 44 -6.04 -7.89 21.89
N GLU A 45 -6.95 -6.93 22.08
CA GLU A 45 -8.18 -6.81 21.30
C GLU A 45 -7.85 -6.44 19.85
N GLY A 46 -6.87 -5.57 19.67
CA GLY A 46 -6.37 -5.17 18.37
C GLY A 46 -5.78 -6.34 17.60
N GLU A 47 -4.99 -7.16 18.29
CA GLU A 47 -4.44 -8.36 17.68
C GLU A 47 -5.53 -9.36 17.24
N GLU A 48 -6.53 -9.59 18.10
CA GLU A 48 -7.64 -10.48 17.75
C GLU A 48 -8.46 -9.90 16.59
N LEU A 49 -8.70 -8.59 16.57
CA LEU A 49 -9.45 -7.98 15.46
C LEU A 49 -8.67 -8.00 14.12
N LEU A 50 -7.35 -7.79 14.19
CA LEU A 50 -6.49 -7.93 13.03
C LEU A 50 -6.59 -9.33 12.37
N ASN A 51 -6.57 -10.38 13.19
N ASN A 51 -6.57 -10.37 13.20
CA ASN A 51 -6.72 -11.74 12.67
CA ASN A 51 -6.73 -11.76 12.75
C ASN A 51 -8.05 -11.90 11.93
C ASN A 51 -8.04 -11.94 11.97
N LEU A 52 -9.13 -11.33 12.47
CA LEU A 52 -10.43 -11.35 11.77
C LEU A 52 -10.37 -10.58 10.46
N GLY A 53 -9.66 -9.45 10.47
CA GLY A 53 -9.48 -8.60 9.27
C GLY A 53 -8.72 -9.32 8.18
N ILE A 54 -7.68 -10.05 8.57
CA ILE A 54 -6.92 -10.86 7.62
C ILE A 54 -7.76 -12.01 7.09
N SER A 55 -8.55 -12.66 7.93
CA SER A 55 -9.46 -13.71 7.43
C SER A 55 -10.51 -13.19 6.47
N LYS A 56 -11.06 -12.05 6.81
CA LYS A 56 -12.05 -11.44 5.92
C LYS A 56 -11.37 -11.10 4.60
N LEU A 57 -10.14 -10.56 4.68
CA LEU A 57 -9.45 -10.21 3.46
C LEU A 57 -9.17 -11.46 2.60
N SER A 58 -8.85 -12.59 3.21
CA SER A 58 -8.59 -13.83 2.47
C SER A 58 -9.86 -14.31 1.76
N GLU A 59 -10.97 -14.19 2.46
CA GLU A 59 -12.26 -14.47 1.86
C GLU A 59 -12.59 -13.59 0.64
N ILE A 60 -12.35 -12.30 0.77
CA ILE A 60 -12.53 -11.36 -0.35
C ILE A 60 -11.68 -11.74 -1.52
N GLN A 61 -10.40 -12.04 -1.26
CA GLN A 61 -9.46 -12.46 -2.30
C GLN A 61 -9.94 -13.67 -3.06
N GLU A 62 -10.40 -14.68 -2.33
CA GLU A 62 -10.91 -15.86 -2.99
C GLU A 62 -12.13 -15.55 -3.87
N LYS A 63 -13.02 -14.68 -3.38
CA LYS A 63 -14.21 -14.27 -4.17
C LYS A 63 -13.79 -13.44 -5.37
N LEU A 64 -12.78 -12.58 -5.18
CA LEU A 64 -12.23 -11.81 -6.30
C LEU A 64 -11.60 -12.73 -7.36
N TYR A 65 -10.80 -13.70 -6.92
CA TYR A 65 -10.12 -14.60 -7.87
C TYR A 65 -11.17 -15.40 -8.68
N ALA A 66 -12.15 -15.97 -7.97
CA ALA A 66 -13.23 -16.74 -8.62
C ALA A 66 -14.06 -15.94 -9.63
N SER A 67 -14.21 -14.64 -9.34
N SER A 67 -14.67 -14.82 -9.27
CA SER A 67 -14.86 -13.66 -10.21
CA SER A 67 -15.60 -14.16 -10.24
C SER A 67 -14.06 -13.23 -11.45
C SER A 67 -15.56 -12.66 -10.18
N GLY A 68 -12.76 -12.99 -11.32
N GLY A 68 -14.44 -12.16 -9.67
CA GLY A 68 -11.95 -12.58 -12.46
CA GLY A 68 -14.20 -10.74 -9.68
C GLY A 68 -12.41 -11.31 -13.17
C GLY A 68 -14.24 -10.24 -11.10
N THR A 69 -12.83 -10.29 -12.41
N THR A 69 -14.65 -8.99 -11.23
CA THR A 69 -13.43 -9.04 -12.95
CA THR A 69 -14.57 -8.28 -12.49
C THR A 69 -12.60 -7.77 -12.57
C THR A 69 -13.44 -7.21 -12.42
N LYS A 70 -12.67 -7.26 -11.33
CA LYS A 70 -11.78 -6.18 -10.92
C LYS A 70 -10.41 -6.74 -10.48
N SER A 71 -9.44 -5.85 -10.47
CA SER A 71 -8.15 -6.05 -9.84
C SER A 71 -7.98 -5.03 -8.75
N VAL A 72 -7.05 -5.30 -7.86
CA VAL A 72 -6.78 -4.45 -6.71
C VAL A 72 -5.30 -4.18 -6.65
N LEU A 73 -4.96 -2.90 -6.51
CA LEU A 73 -3.58 -2.44 -6.41
C LEU A 73 -3.44 -1.74 -5.09
N ILE A 74 -2.54 -2.23 -4.26
CA ILE A 74 -2.30 -1.63 -2.95
C ILE A 74 -0.87 -1.13 -2.90
N VAL A 75 -0.71 0.14 -2.61
CA VAL A 75 0.60 0.79 -2.60
C VAL A 75 0.96 1.04 -1.15
N PHE A 76 2.20 0.71 -0.81
CA PHE A 76 2.82 1.11 0.45
C PHE A 76 4.07 2.00 0.25
N GLN A 77 4.10 3.10 0.99
CA GLN A 77 5.26 4.00 1.08
C GLN A 77 5.46 4.38 2.56
N ALA A 78 6.71 4.68 2.93
CA ALA A 78 7.09 4.93 4.32
C ALA A 78 8.53 5.28 4.44
N MET A 79 8.87 6.05 5.48
CA MET A 79 10.27 6.21 5.82
C MET A 79 10.81 4.85 6.32
N ASP A 80 12.11 4.64 6.22
CA ASP A 80 12.74 3.42 6.74
C ASP A 80 12.35 3.19 8.22
N ALA A 81 12.14 1.92 8.54
CA ALA A 81 11.82 1.45 9.89
C ALA A 81 10.43 1.82 10.34
N ALA A 82 9.59 2.34 9.45
CA ALA A 82 8.18 2.62 9.81
C ALA A 82 7.36 1.35 10.00
N GLY A 83 7.85 0.21 9.52
CA GLY A 83 7.17 -1.08 9.65
C GLY A 83 6.49 -1.54 8.37
N LYS A 84 6.85 -0.96 7.23
CA LYS A 84 6.22 -1.30 5.95
C LYS A 84 6.41 -2.77 5.56
N ASP A 85 7.66 -3.26 5.58
CA ASP A 85 7.95 -4.64 5.18
C ASP A 85 7.27 -5.67 6.08
N GLY A 86 7.22 -5.40 7.38
CA GLY A 86 6.49 -6.24 8.31
C GLY A 86 4.99 -6.24 8.06
N THR A 87 4.41 -5.06 7.76
CA THR A 87 3.02 -4.97 7.45
C THR A 87 2.69 -5.80 6.23
N VAL A 88 3.48 -5.65 5.15
CA VAL A 88 3.28 -6.44 3.93
C VAL A 88 3.42 -7.93 4.24
N LYS A 89 4.44 -8.34 4.98
CA LYS A 89 4.58 -9.78 5.34
C LYS A 89 3.37 -10.30 6.11
N HIS A 90 2.96 -9.54 7.11
CA HIS A 90 1.84 -9.98 7.92
C HIS A 90 0.56 -10.20 7.11
N ILE A 91 0.26 -9.31 6.18
CA ILE A 91 -0.87 -9.49 5.28
C ILE A 91 -0.71 -10.71 4.36
N MET A 92 0.41 -10.77 3.66
CA MET A 92 0.72 -11.90 2.77
C MET A 92 0.59 -13.28 3.39
N THR A 93 1.06 -13.43 4.61
CA THR A 93 0.89 -14.65 5.43
C THR A 93 -0.52 -15.20 5.49
N GLY A 94 -1.52 -14.33 5.51
CA GLY A 94 -2.90 -14.78 5.52
C GLY A 94 -3.61 -14.86 4.19
N LEU A 95 -2.96 -14.55 3.07
CA LEU A 95 -3.61 -14.66 1.75
C LEU A 95 -3.07 -15.82 0.94
N ASN A 96 -3.90 -16.32 0.04
CA ASN A 96 -3.51 -17.38 -0.84
C ASN A 96 -2.46 -16.85 -1.83
N PRO A 97 -1.43 -17.64 -2.13
CA PRO A 97 -0.39 -17.18 -3.04
C PRO A 97 -0.84 -17.09 -4.51
N GLN A 98 -1.80 -17.91 -4.91
CA GLN A 98 -2.27 -17.95 -6.29
C GLN A 98 -2.76 -16.57 -6.79
N GLY A 99 -3.57 -15.87 -6.03
CA GLY A 99 -4.09 -14.61 -6.57
C GLY A 99 -3.46 -13.29 -6.16
N VAL A 100 -2.30 -13.35 -5.53
CA VAL A 100 -1.72 -12.21 -4.88
C VAL A 100 -0.24 -12.12 -5.26
N LYS A 101 0.22 -10.93 -5.58
CA LYS A 101 1.60 -10.73 -5.99
C LYS A 101 2.15 -9.46 -5.28
N VAL A 102 3.30 -9.59 -4.62
CA VAL A 102 4.06 -8.45 -4.09
C VAL A 102 5.21 -8.10 -5.07
N THR A 103 5.34 -6.83 -5.44
CA THR A 103 6.48 -6.34 -6.19
C THR A 103 7.11 -5.24 -5.29
N SER A 104 8.42 -5.37 -5.06
CA SER A 104 9.24 -4.40 -4.33
C SER A 104 10.14 -3.77 -5.34
N PHE A 105 9.88 -2.54 -5.65
CA PHE A 105 10.65 -1.85 -6.66
C PHE A 105 11.94 -1.29 -6.07
N LYS A 106 13.06 -1.79 -6.59
CA LYS A 106 14.40 -1.46 -6.15
C LYS A 106 14.92 -0.35 -7.07
N VAL A 107 16.22 -0.14 -7.00
CA VAL A 107 16.94 0.63 -8.02
C VAL A 107 16.56 0.08 -9.41
N PRO A 108 16.25 0.99 -10.35
CA PRO A 108 15.91 0.50 -11.68
C PRO A 108 17.08 -0.23 -12.35
N SER A 109 16.79 -1.32 -13.09
CA SER A 109 17.78 -1.92 -14.02
C SER A 109 18.11 -0.97 -15.18
N LYS A 110 19.16 -1.33 -15.93
CA LYS A 110 19.54 -0.63 -17.16
C LYS A 110 18.37 -0.57 -18.14
N ILE A 111 17.68 -1.71 -18.33
CA ILE A 111 16.53 -1.79 -19.23
C ILE A 111 15.40 -0.83 -18.75
N GLU A 112 15.06 -0.92 -17.47
CA GLU A 112 14.04 -0.07 -16.87
C GLU A 112 14.37 1.43 -17.00
N LEU A 113 15.65 1.77 -16.83
CA LEU A 113 16.14 3.12 -17.08
C LEU A 113 16.04 3.54 -18.55
N SER A 114 15.95 2.57 -19.45
CA SER A 114 15.68 2.87 -20.87
C SER A 114 14.20 3.13 -21.23
N HIS A 115 13.28 2.97 -20.25
CA HIS A 115 11.89 3.35 -20.41
C HIS A 115 11.51 4.46 -19.49
N ASP A 116 10.37 5.08 -19.75
CA ASP A 116 9.84 6.06 -18.85
C ASP A 116 9.68 5.51 -17.43
N TYR A 117 9.73 6.37 -16.43
CA TYR A 117 9.68 5.96 -15.05
C TYR A 117 8.42 5.16 -14.66
N LEU A 118 7.30 5.31 -15.38
CA LEU A 118 6.12 4.55 -15.03
C LEU A 118 6.09 3.13 -15.60
N TRP A 119 6.87 2.88 -16.66
CA TRP A 119 6.78 1.65 -17.44
C TRP A 119 6.89 0.37 -16.57
N ARG A 120 7.89 0.29 -15.70
CA ARG A 120 8.06 -0.93 -14.91
C ARG A 120 6.90 -1.15 -13.96
N HIS A 121 6.25 -0.07 -13.55
CA HIS A 121 5.05 -0.19 -12.69
C HIS A 121 3.85 -0.66 -13.47
N TYR A 122 3.65 -0.08 -14.64
CA TYR A 122 2.57 -0.49 -15.53
C TYR A 122 2.72 -1.97 -15.88
N VAL A 123 3.93 -2.38 -16.21
CA VAL A 123 4.20 -3.77 -16.56
C VAL A 123 3.73 -4.75 -15.47
N ALA A 124 3.95 -4.35 -14.22
CA ALA A 124 3.70 -5.20 -13.05
C ALA A 124 2.27 -5.08 -12.49
N LEU A 125 1.36 -4.38 -13.18
CA LEU A 125 0.00 -4.22 -12.65
C LEU A 125 -0.75 -5.55 -12.48
N PRO A 126 -1.71 -5.60 -11.55
CA PRO A 126 -2.46 -6.85 -11.32
C PRO A 126 -3.43 -7.14 -12.43
N ALA A 127 -3.53 -8.42 -12.81
CA ALA A 127 -4.55 -8.87 -13.75
C ALA A 127 -5.93 -8.95 -13.06
N THR A 128 -7.00 -8.97 -13.85
CA THR A 128 -8.36 -9.15 -13.30
C THR A 128 -8.41 -10.34 -12.33
N GLY A 129 -9.05 -10.14 -11.20
CA GLY A 129 -9.14 -11.16 -10.19
C GLY A 129 -7.96 -11.21 -9.26
N GLU A 130 -6.93 -10.42 -9.53
CA GLU A 130 -5.76 -10.41 -8.70
C GLU A 130 -5.54 -9.21 -7.81
N ILE A 131 -4.74 -9.42 -6.80
CA ILE A 131 -4.33 -8.37 -5.91
C ILE A 131 -2.83 -8.17 -6.10
N GLY A 132 -2.45 -6.95 -6.37
CA GLY A 132 -1.05 -6.56 -6.55
C GLY A 132 -0.66 -5.62 -5.41
N ILE A 133 0.41 -5.94 -4.69
CA ILE A 133 0.93 -5.05 -3.64
C ILE A 133 2.27 -4.44 -4.14
N PHE A 134 2.32 -3.13 -4.26
CA PHE A 134 3.53 -2.42 -4.61
C PHE A 134 4.16 -1.95 -3.29
N ASN A 135 5.22 -2.63 -2.89
CA ASN A 135 5.94 -2.33 -1.69
C ASN A 135 7.08 -1.41 -2.13
N ARG A 136 6.87 -0.10 -1.96
CA ARG A 136 7.45 0.96 -2.78
C ARG A 136 6.84 0.88 -4.16
N SER A 137 6.78 1.98 -4.87
CA SER A 137 5.91 2.09 -6.00
C SER A 137 6.41 3.15 -6.91
N HIS A 138 5.60 3.43 -7.90
CA HIS A 138 5.81 4.55 -8.78
C HIS A 138 6.06 5.87 -8.04
N TYR A 139 5.60 5.99 -6.79
CA TYR A 139 5.76 7.20 -6.01
C TYR A 139 7.19 7.48 -5.63
N GLU A 140 8.06 6.48 -5.67
CA GLU A 140 9.49 6.71 -5.43
C GLU A 140 10.05 7.79 -6.34
N ASN A 141 9.48 7.91 -7.52
CA ASN A 141 9.91 8.87 -8.53
C ASN A 141 9.53 10.34 -8.25
N VAL A 142 8.80 10.61 -7.16
CA VAL A 142 8.57 11.96 -6.63
C VAL A 142 9.01 12.07 -5.15
N LEU A 143 9.82 11.12 -4.67
CA LEU A 143 10.22 11.05 -3.27
C LEU A 143 11.74 10.90 -3.19
N VAL A 144 12.28 9.68 -3.28
CA VAL A 144 13.71 9.48 -3.27
C VAL A 144 14.39 10.26 -4.40
N THR A 145 13.75 10.31 -5.55
CA THR A 145 14.27 11.06 -6.71
C THR A 145 14.24 12.56 -6.52
N ARG A 146 13.31 13.05 -5.70
CA ARG A 146 13.20 14.46 -5.43
C ARG A 146 14.21 14.96 -4.37
N VAL A 147 14.50 14.11 -3.40
CA VAL A 147 15.51 14.36 -2.38
C VAL A 147 16.91 14.25 -3.00
N HIS A 148 17.06 13.39 -4.01
CA HIS A 148 18.35 13.18 -4.67
C HIS A 148 18.15 13.37 -6.15
N PRO A 149 17.96 14.61 -6.61
CA PRO A 149 17.74 14.87 -8.03
C PRO A 149 18.83 14.37 -8.95
N GLU A 150 20.02 14.14 -8.40
CA GLU A 150 21.13 13.56 -9.14
C GLU A 150 20.76 12.22 -9.82
N TYR A 151 19.81 11.48 -9.27
CA TYR A 151 19.38 10.21 -9.86
C TYR A 151 18.74 10.41 -11.21
N LEU A 152 18.17 11.60 -11.42
CA LEU A 152 17.53 11.96 -12.66
C LEU A 152 18.48 11.99 -13.82
N LEU A 153 19.77 12.19 -13.50
CA LEU A 153 20.83 12.22 -14.50
C LEU A 153 21.08 10.88 -15.13
N SER A 154 20.81 9.79 -14.41
CA SER A 154 20.91 8.44 -15.00
C SER A 154 19.66 7.98 -15.77
N GLU A 155 18.57 8.73 -15.60
CA GLU A 155 17.32 8.48 -16.32
C GLU A 155 17.39 9.09 -17.69
N GLN A 156 17.63 8.24 -18.67
CA GLN A 156 17.74 8.62 -20.06
C GLN A 156 16.44 9.25 -20.61
N THR A 157 15.28 8.93 -20.03
CA THR A 157 14.01 9.37 -20.60
C THR A 157 13.52 10.62 -19.91
N SER A 158 14.20 11.08 -18.86
CA SER A 158 13.64 12.11 -17.98
C SER A 158 13.94 13.55 -18.46
N GLY A 159 14.89 13.70 -19.38
CA GLY A 159 15.19 14.98 -20.01
C GLY A 159 16.01 15.95 -19.15
N VAL A 160 16.60 15.45 -18.07
CA VAL A 160 17.33 16.25 -17.09
C VAL A 160 18.82 15.95 -17.20
N THR A 161 19.56 16.93 -17.70
CA THR A 161 21.03 16.86 -17.85
C THR A 161 21.80 17.61 -16.74
N ALA A 162 21.09 18.32 -15.86
CA ALA A 162 21.70 19.03 -14.73
C ALA A 162 20.64 19.34 -13.68
N ILE A 163 20.93 19.06 -12.41
CA ILE A 163 19.91 19.11 -11.34
C ILE A 163 19.30 20.47 -11.12
N GLU A 164 20.00 21.52 -11.54
CA GLU A 164 19.49 22.89 -11.47
C GLU A 164 18.26 23.11 -12.36
N GLN A 165 18.08 22.26 -13.38
CA GLN A 165 16.87 22.29 -14.23
C GLN A 165 15.57 21.88 -13.51
N VAL A 166 15.70 21.16 -12.39
CA VAL A 166 14.55 20.57 -11.71
C VAL A 166 13.91 21.59 -10.77
N ASN A 167 12.62 21.82 -10.92
CA ASN A 167 11.91 22.82 -10.13
C ASN A 167 10.50 22.31 -9.78
N GLN A 168 9.69 23.13 -9.13
CA GLN A 168 8.34 22.70 -8.78
C GLN A 168 7.50 22.23 -9.99
N LYS A 169 7.70 22.85 -11.15
CA LYS A 169 6.97 22.54 -12.36
C LYS A 169 7.23 21.09 -12.86
N PHE A 170 8.46 20.58 -12.67
CA PHE A 170 8.84 19.21 -12.98
C PHE A 170 8.06 18.22 -12.11
N TRP A 171 7.89 18.57 -10.83
CA TRP A 171 7.17 17.69 -9.91
C TRP A 171 5.66 17.74 -10.14
N ASP A 172 5.14 18.94 -10.40
CA ASP A 172 3.73 19.11 -10.72
C ASP A 172 3.36 18.28 -11.93
N LYS A 173 4.24 18.24 -12.91
CA LYS A 173 4.00 17.46 -14.10
C LYS A 173 4.01 15.91 -13.82
N ARG A 174 4.91 15.46 -12.94
CA ARG A 174 4.91 14.05 -12.52
C ARG A 174 3.66 13.73 -11.77
N PHE A 175 3.19 14.64 -10.93
CA PHE A 175 1.94 14.38 -10.21
C PHE A 175 0.75 14.21 -11.18
N GLN A 176 0.68 15.05 -12.21
CA GLN A 176 -0.36 14.96 -13.20
C GLN A 176 -0.26 13.60 -13.94
N GLN A 177 0.96 13.21 -14.30
CA GLN A 177 1.19 11.95 -14.99
C GLN A 177 0.76 10.74 -14.14
N ILE A 178 1.12 10.78 -12.86
CA ILE A 178 0.72 9.76 -11.91
C ILE A 178 -0.81 9.73 -11.76
N ASN A 179 -1.44 10.91 -11.69
CA ASN A 179 -2.89 10.97 -11.56
C ASN A 179 -3.58 10.40 -12.77
N ASN A 180 -3.11 10.76 -13.96
CA ASN A 180 -3.67 10.23 -15.20
C ASN A 180 -3.53 8.70 -15.28
N PHE A 181 -2.40 8.19 -14.84
CA PHE A 181 -2.16 6.76 -14.78
C PHE A 181 -3.17 6.08 -13.87
N GLU A 182 -3.31 6.57 -12.65
CA GLU A 182 -4.22 5.94 -11.70
C GLU A 182 -5.69 6.10 -12.10
N GLN A 183 -6.05 7.22 -12.71
CA GLN A 183 -7.40 7.40 -13.22
C GLN A 183 -7.71 6.41 -14.32
N HIS A 184 -6.79 6.24 -15.25
CA HIS A 184 -6.99 5.28 -16.30
C HIS A 184 -7.22 3.85 -15.78
N ILE A 185 -6.33 3.36 -14.92
CA ILE A 185 -6.51 2.02 -14.42
C ILE A 185 -7.81 1.88 -13.59
N SER A 186 -8.17 2.93 -12.84
CA SER A 186 -9.41 3.01 -12.09
C SER A 186 -10.65 2.97 -12.98
N GLU A 187 -10.56 3.55 -14.16
CA GLU A 187 -11.65 3.49 -15.13
C GLU A 187 -11.68 2.18 -15.90
N ASN A 188 -10.66 1.33 -15.70
CA ASN A 188 -10.53 0.04 -16.36
C ASN A 188 -10.31 -1.08 -15.35
N GLY A 189 -11.13 -1.06 -14.30
CA GLY A 189 -11.34 -2.20 -13.43
C GLY A 189 -10.39 -2.37 -12.25
N THR A 190 -9.46 -1.42 -12.00
CA THR A 190 -8.49 -1.55 -10.91
C THR A 190 -8.93 -0.68 -9.75
N ILE A 191 -9.03 -1.26 -8.56
CA ILE A 191 -9.28 -0.52 -7.31
C ILE A 191 -7.89 -0.17 -6.74
N VAL A 192 -7.62 1.12 -6.57
CA VAL A 192 -6.33 1.62 -6.12
C VAL A 192 -6.45 2.14 -4.68
N LEU A 193 -5.63 1.61 -3.79
CA LEU A 193 -5.55 2.03 -2.38
C LEU A 193 -4.11 2.27 -2.03
N LYS A 194 -3.83 3.43 -1.47
CA LYS A 194 -2.47 3.86 -1.16
C LYS A 194 -2.28 4.21 0.31
N PHE A 195 -1.24 3.62 0.92
CA PHE A 195 -0.96 3.78 2.34
C PHE A 195 0.42 4.36 2.56
N PHE A 196 0.47 5.48 3.26
CA PHE A 196 1.72 6.04 3.78
C PHE A 196 1.78 5.72 5.28
N LEU A 197 2.75 4.93 5.69
CA LEU A 197 2.93 4.62 7.08
C LEU A 197 3.75 5.76 7.66
N HIS A 198 3.15 6.51 8.57
CA HIS A 198 3.74 7.71 9.18
C HIS A 198 4.39 7.43 10.51
N VAL A 199 5.71 7.38 10.49
CA VAL A 199 6.45 7.13 11.70
C VAL A 199 7.16 8.38 12.13
N SER A 200 7.20 8.65 13.42
CA SER A 200 7.93 9.82 13.93
C SER A 200 9.43 9.61 13.84
N LYS A 201 10.13 10.74 13.69
CA LYS A 201 11.60 10.77 13.72
C LYS A 201 12.18 10.14 14.98
N LYS A 202 11.48 10.31 16.10
CA LYS A 202 11.91 9.79 17.37
C LYS A 202 11.79 8.27 17.44
N GLU A 203 10.69 7.75 16.94
CA GLU A 203 10.47 6.30 16.93
C GLU A 203 11.42 5.62 15.91
N GLN A 204 11.66 6.27 14.78
CA GLN A 204 12.62 5.76 13.82
C GLN A 204 13.97 5.57 14.50
N LYS A 205 14.40 6.59 15.25
CA LYS A 205 15.65 6.52 15.97
C LYS A 205 15.68 5.33 16.93
N LYS A 206 14.61 5.15 17.69
CA LYS A 206 14.53 4.07 18.66
C LYS A 206 14.58 2.69 17.99
N ARG A 207 13.97 2.58 16.82
CA ARG A 207 14.01 1.34 16.05
C ARG A 207 15.40 1.07 15.48
N PHE A 208 16.06 2.11 14.96
CA PHE A 208 17.43 2.01 14.45
C PHE A 208 18.38 1.49 15.52
N ILE A 209 18.31 2.10 16.70
CA ILE A 209 19.18 1.72 17.81
C ILE A 209 18.89 0.30 18.27
N GLU A 210 17.61 -0.04 18.39
CA GLU A 210 17.24 -1.40 18.75
C GLU A 210 17.82 -2.44 17.81
N ARG A 211 17.74 -2.17 16.52
CA ARG A 211 18.35 -3.08 15.54
C ARG A 211 19.89 -3.14 15.65
N ILE A 212 20.53 -1.98 15.75
CA ILE A 212 22.00 -1.92 15.91
C ILE A 212 22.46 -2.76 17.12
N GLU A 213 21.67 -2.77 18.19
CA GLU A 213 21.99 -3.52 19.39
C GLU A 213 21.58 -5.00 19.36
N LEU A 214 20.90 -5.44 18.32
CA LEU A 214 20.55 -6.85 18.21
C LEU A 214 21.59 -7.60 17.40
N ASP A 215 22.41 -8.39 18.09
CA ASP A 215 23.44 -9.20 17.41
C ASP A 215 22.86 -10.18 16.45
N THR A 216 21.58 -10.46 16.58
CA THR A 216 20.90 -11.32 15.67
C THR A 216 20.54 -10.58 14.32
N LYS A 217 20.27 -9.27 14.37
CA LYS A 217 19.77 -8.48 13.23
C LYS A 217 20.71 -7.38 12.69
N ASN A 218 21.74 -7.03 13.43
CA ASN A 218 22.50 -5.84 13.08
C ASN A 218 23.33 -5.97 11.80
N TRP A 219 23.49 -7.19 11.27
CA TRP A 219 24.10 -7.38 9.96
C TRP A 219 23.34 -6.64 8.86
N LYS A 220 22.05 -6.39 9.09
CA LYS A 220 21.19 -5.69 8.15
C LYS A 220 21.37 -4.17 8.07
N PHE A 221 21.84 -3.55 9.13
CA PHE A 221 21.96 -2.11 9.20
C PHE A 221 23.26 -1.55 8.59
N SER A 222 23.13 -0.74 7.52
CA SER A 222 24.26 -0.02 6.89
C SER A 222 24.39 1.49 7.30
N THR A 223 25.51 2.08 6.90
CA THR A 223 25.70 3.54 6.96
C THR A 223 24.66 4.32 6.14
N GLY A 224 24.26 3.79 4.99
CA GLY A 224 23.25 4.42 4.12
C GLY A 224 21.90 4.69 4.76
N ASP A 225 21.56 3.91 5.77
CA ASP A 225 20.30 4.08 6.51
C ASP A 225 20.29 5.39 7.32
N LEU A 226 21.40 5.71 7.96
CA LEU A 226 21.57 7.05 8.54
C LEU A 226 21.41 8.16 7.50
N LYS A 227 21.95 7.98 6.30
CA LYS A 227 21.99 9.07 5.33
C LYS A 227 20.64 9.53 4.91
N GLU A 228 19.72 8.58 4.76
CA GLU A 228 18.36 8.94 4.37
C GLU A 228 17.65 9.65 5.54
N ARG A 229 17.97 9.25 6.78
CA ARG A 229 17.45 9.94 7.96
C ARG A 229 17.93 11.40 8.06
N ALA A 230 19.16 11.68 7.65
CA ALA A 230 19.66 13.05 7.63
C ALA A 230 18.89 13.93 6.63
N HIS A 231 18.13 13.31 5.72
CA HIS A 231 17.24 14.05 4.80
C HIS A 231 15.77 14.05 5.24
N TRP A 232 15.53 13.87 6.55
CA TRP A 232 14.18 13.74 7.11
C TRP A 232 13.26 14.85 6.64
N LYS A 233 13.74 16.07 6.74
CA LYS A 233 12.97 17.23 6.35
C LYS A 233 12.70 17.29 4.85
N ASP A 234 13.68 16.92 4.03
CA ASP A 234 13.48 16.92 2.60
C ASP A 234 12.46 15.87 2.20
N TYR A 235 12.53 14.68 2.80
CA TYR A 235 11.49 13.64 2.61
C TYR A 235 10.09 14.13 3.06
N ARG A 236 10.03 14.78 4.22
CA ARG A 236 8.74 15.28 4.69
C ARG A 236 8.11 16.25 3.68
N ASN A 237 8.89 17.20 3.19
CA ASN A 237 8.45 18.10 2.11
C ASN A 237 7.92 17.37 0.87
N ALA A 238 8.68 16.38 0.40
CA ALA A 238 8.33 15.63 -0.76
C ALA A 238 7.03 14.86 -0.55
N TYR A 239 6.89 14.24 0.63
CA TYR A 239 5.70 13.50 0.99
C TYR A 239 4.47 14.41 1.06
N GLU A 240 4.62 15.58 1.68
CA GLU A 240 3.53 16.53 1.84
C GLU A 240 2.97 17.00 0.52
N ASP A 241 3.86 17.38 -0.38
CA ASP A 241 3.51 17.91 -1.69
C ASP A 241 2.83 16.79 -2.51
N MET A 242 3.38 15.59 -2.42
CA MET A 242 2.80 14.44 -3.09
C MET A 242 1.39 14.09 -2.55
N LEU A 243 1.23 14.05 -1.24
CA LEU A 243 -0.08 13.70 -0.65
C LEU A 243 -1.12 14.76 -0.96
N ALA A 244 -0.69 16.02 -0.99
CA ALA A 244 -1.53 17.14 -1.37
C ALA A 244 -1.91 17.18 -2.84
N ASN A 245 -1.22 16.45 -3.72
CA ASN A 245 -1.54 16.50 -5.15
C ASN A 245 -1.90 15.20 -5.82
N THR A 246 -1.87 14.08 -5.10
CA THR A 246 -2.18 12.77 -5.70
C THR A 246 -3.20 11.91 -4.93
N SER A 247 -3.87 12.49 -3.94
CA SER A 247 -5.01 11.81 -3.31
C SER A 247 -6.30 12.25 -3.99
N THR A 248 -6.93 11.31 -4.71
CA THR A 248 -8.25 11.55 -5.33
C THR A 248 -9.26 10.65 -4.68
N LYS A 249 -10.53 10.97 -4.90
CA LYS A 249 -11.61 10.16 -4.37
C LYS A 249 -11.52 8.75 -4.95
N GLN A 250 -11.16 8.67 -6.20
CA GLN A 250 -10.98 7.43 -6.87
C GLN A 250 -9.74 6.62 -6.45
N ALA A 251 -8.64 7.31 -6.21
CA ALA A 251 -7.40 6.70 -5.74
C ALA A 251 -6.90 7.43 -4.49
N PRO A 252 -7.44 7.07 -3.33
CA PRO A 252 -7.12 7.81 -2.11
C PRO A 252 -5.80 7.40 -1.48
N TRP A 253 -5.17 8.38 -0.83
CA TRP A 253 -4.11 8.14 0.11
C TRP A 253 -4.70 8.00 1.50
N PHE A 254 -4.13 7.11 2.30
CA PHE A 254 -4.39 7.09 3.73
C PHE A 254 -3.05 7.22 4.46
N VAL A 255 -2.99 8.14 5.43
CA VAL A 255 -1.80 8.33 6.28
C VAL A 255 -2.05 7.58 7.58
N ILE A 256 -1.24 6.57 7.85
CA ILE A 256 -1.45 5.65 8.96
C ILE A 256 -0.41 5.93 10.03
N PRO A 257 -0.82 6.19 11.28
CA PRO A 257 0.20 6.34 12.32
C PRO A 257 0.99 5.05 12.49
N ALA A 258 2.32 5.13 12.45
CA ALA A 258 3.17 3.96 12.42
C ALA A 258 3.92 3.63 13.75
N ASP A 259 3.79 4.45 14.79
CA ASP A 259 4.64 4.28 15.95
C ASP A 259 4.27 3.08 16.79
N ASP A 260 3.02 2.61 16.74
CA ASP A 260 2.60 1.35 17.39
C ASP A 260 2.17 0.35 16.29
N LYS A 261 3.02 -0.64 16.03
CA LYS A 261 2.89 -1.52 14.86
C LYS A 261 1.60 -2.30 14.79
N TRP A 262 1.14 -2.85 15.94
CA TRP A 262 -0.11 -3.62 15.99
C TRP A 262 -1.30 -2.75 15.52
N PHE A 263 -1.27 -1.48 15.91
CA PHE A 263 -2.30 -0.55 15.54
C PHE A 263 -2.21 -0.18 14.05
N THR A 264 -0.99 0.02 13.55
CA THR A 264 -0.77 0.26 12.11
C THR A 264 -1.41 -0.83 11.24
N ARG A 265 -1.13 -2.08 11.61
CA ARG A 265 -1.58 -3.24 10.87
C ARG A 265 -3.08 -3.36 10.94
N LEU A 266 -3.63 -3.20 12.16
CA LEU A 266 -5.05 -3.19 12.33
C LEU A 266 -5.74 -2.20 11.39
N LEU A 267 -5.23 -0.98 11.37
CA LEU A 267 -5.86 0.07 10.59
C LEU A 267 -5.86 -0.22 9.10
N ILE A 268 -4.71 -0.68 8.60
CA ILE A 268 -4.58 -1.02 7.21
C ILE A 268 -5.50 -2.18 6.83
N ALA A 269 -5.56 -3.22 7.64
CA ALA A 269 -6.46 -4.35 7.36
C ALA A 269 -7.93 -3.90 7.31
N GLU A 270 -8.33 -3.07 8.27
CA GLU A 270 -9.65 -2.49 8.32
C GLU A 270 -10.04 -1.69 7.11
N ILE A 271 -9.15 -0.78 6.71
CA ILE A 271 -9.39 0.05 5.54
C ILE A 271 -9.49 -0.80 4.30
N ILE A 272 -8.57 -1.76 4.12
CA ILE A 272 -8.65 -2.63 2.94
C ILE A 272 -9.98 -3.40 2.91
N CYS A 273 -10.34 -4.05 4.02
CA CYS A 273 -11.63 -4.78 4.08
C CYS A 273 -12.80 -3.86 3.80
N THR A 274 -12.83 -2.71 4.48
CA THR A 274 -13.89 -1.73 4.28
C THR A 274 -14.04 -1.35 2.83
N GLU A 275 -12.93 -1.03 2.17
CA GLU A 275 -12.98 -0.59 0.79
C GLU A 275 -13.39 -1.70 -0.15
N LEU A 276 -12.87 -2.90 0.06
CA LEU A 276 -13.19 -4.00 -0.83
C LEU A 276 -14.60 -4.56 -0.65
N GLU A 277 -15.15 -4.35 0.54
CA GLU A 277 -16.53 -4.71 0.84
C GLU A 277 -17.51 -3.91 -0.02
N LYS A 278 -17.12 -2.72 -0.50
CA LYS A 278 -17.98 -1.93 -1.37
C LYS A 278 -18.17 -2.59 -2.70
N LEU A 279 -17.35 -3.57 -3.03
CA LEU A 279 -17.54 -4.33 -4.25
C LEU A 279 -18.70 -5.32 -4.21
N ASN A 280 -19.23 -5.65 -3.03
CA ASN A 280 -20.30 -6.68 -2.90
C ASN A 280 -20.01 -8.05 -3.51
N LEU A 281 -18.78 -8.53 -3.26
CA LEU A 281 -18.35 -9.83 -3.78
C LEU A 281 -19.05 -10.99 -3.11
N THR A 282 -19.36 -12.00 -3.88
CA THR A 282 -19.99 -13.19 -3.38
C THR A 282 -19.35 -14.35 -4.08
N PHE A 283 -19.42 -15.52 -3.47
CA PHE A 283 -18.91 -16.73 -4.13
C PHE A 283 -19.87 -17.14 -5.25
N PRO A 284 -19.37 -17.91 -6.23
CA PRO A 284 -20.33 -18.49 -7.20
C PRO A 284 -21.47 -19.33 -6.53
N THR A 285 -22.65 -19.26 -7.11
CA THR A 285 -23.78 -20.04 -6.60
C THR A 285 -23.96 -21.26 -7.49
N VAL A 286 -24.51 -22.30 -6.90
CA VAL A 286 -24.78 -23.53 -7.58
C VAL A 286 -26.19 -23.44 -8.21
N SER A 287 -26.25 -23.35 -9.55
CA SER A 287 -27.50 -23.45 -10.30
C SER A 287 -28.13 -24.84 -10.21
N LEU A 288 -29.40 -24.92 -10.59
CA LEU A 288 -30.10 -26.19 -10.67
C LEU A 288 -29.35 -27.21 -11.51
N GLU A 289 -28.88 -26.80 -12.68
CA GLU A 289 -28.14 -27.72 -13.53
C GLU A 289 -26.94 -28.28 -12.77
N GLN A 290 -26.22 -27.39 -12.13
CA GLN A 290 -25.00 -27.76 -11.42
C GLN A 290 -25.34 -28.64 -10.24
N LYS A 291 -26.45 -28.35 -9.58
CA LYS A 291 -26.92 -29.18 -8.48
C LYS A 291 -27.23 -30.61 -8.96
N ALA A 292 -27.80 -30.74 -10.16
CA ALA A 292 -28.09 -32.02 -10.73
C ALA A 292 -26.78 -32.77 -10.99
N GLU A 293 -25.79 -32.08 -11.50
CA GLU A 293 -24.47 -32.73 -11.72
C GLU A 293 -23.84 -33.23 -10.43
N LEU A 294 -23.94 -32.46 -9.37
CA LEU A 294 -23.38 -32.86 -8.08
C LEU A 294 -24.04 -34.12 -7.59
N GLU A 295 -25.35 -34.15 -7.67
CA GLU A 295 -26.10 -35.31 -7.19
C GLU A 295 -25.82 -36.56 -8.01
N LYS A 296 -25.55 -36.37 -9.29
CA LYS A 296 -25.17 -37.44 -10.19
C LYS A 296 -23.76 -37.94 -9.88
N ALA A 297 -22.86 -37.00 -9.62
CA ALA A 297 -21.49 -37.34 -9.31
C ALA A 297 -21.45 -38.16 -8.03
N LYS A 298 -22.13 -37.68 -7.01
CA LYS A 298 -22.20 -38.37 -5.74
C LYS A 298 -22.87 -39.74 -5.88
N ALA A 299 -23.87 -39.84 -6.73
CA ALA A 299 -24.53 -41.12 -6.93
C ALA A 299 -23.54 -42.14 -7.49
N GLU A 300 -22.82 -41.74 -8.53
CA GLU A 300 -21.82 -42.61 -9.15
C GLU A 300 -20.73 -43.04 -8.20
N LEU A 301 -20.25 -42.08 -7.40
CA LEU A 301 -19.22 -42.36 -6.42
C LEU A 301 -19.70 -43.43 -5.45
N VAL A 302 -20.92 -43.27 -4.94
CA VAL A 302 -21.50 -44.21 -3.97
C VAL A 302 -21.75 -45.58 -4.62
N ALA A 303 -22.17 -45.55 -5.87
CA ALA A 303 -22.38 -46.75 -6.67
C ALA A 303 -21.14 -47.56 -7.04
N GLU A 304 -19.93 -47.04 -6.81
CA GLU A 304 -18.74 -47.83 -7.10
C GLU A 304 -18.68 -49.05 -6.21
#